data_7XZT
#
_entry.id   7XZT
#
_cell.length_a   67.362
_cell.length_b   67.362
_cell.length_c   141.240
_cell.angle_alpha   90.000
_cell.angle_beta   90.000
_cell.angle_gamma   90.000
#
_symmetry.space_group_name_H-M   'P 41 21 2'
#
loop_
_entity.id
_entity.type
_entity.pdbx_description
1 polymer 'Ricin A chain'
2 non-polymer '(2R)-2-[(2-azanyl-4-oxidanylidene-3H-pteridin-7-yl)carbonylamino]-3-(4-hydroxyphenyl)propanoic acid'
3 non-polymer 'SULFATE ION'
4 water water
#
_entity_poly.entity_id   1
_entity_poly.type   'polypeptide(L)'
_entity_poly.pdbx_seq_one_letter_code
;MHHHHHHIFPKQYPIINFTTAGATVQSYTNFIRAVRGRLTTGADVRHEIPVLPNRVGLPINQRFILVELSNHAELSVTLA
LDVTNAYVVGYRAGNSAYFFHPDNQEDAEAITHLFTDVQNRYTFAFGGNYDRLEQLAGNLRENIELGNGPLEEAISALYY
YSTGGTQLPTLARSFIICIQMISEAARFQYIEGEMRTRIRYNRRSAPDPSVITLENSWGRLSTAIQESNQGAFASPIQLQ
RRNGSKFSVYDVSILIPIIALMVYRCAPPPSSQF
;
_entity_poly.pdbx_strand_id   A
#
loop_
_chem_comp.id
_chem_comp.type
_chem_comp.name
_chem_comp.formula
I9P non-polymer '(2R)-2-[(2-azanyl-4-oxidanylidene-3H-pteridin-7-yl)carbonylamino]-3-(4-hydroxyphenyl)propanoic acid' 'C16 H14 N6 O5'
SO4 non-polymer 'SULFATE ION' 'O4 S -2'
#
# COMPACT_ATOMS: atom_id res chain seq x y z
N GLN A 12 -4.36 -0.19 -21.00
CA GLN A 12 -5.02 -1.46 -20.57
C GLN A 12 -5.40 -1.40 -19.08
N TYR A 13 -4.39 -1.36 -18.21
CA TYR A 13 -4.61 -1.31 -16.76
C TYR A 13 -5.20 0.03 -16.33
N PRO A 14 -6.15 0.01 -15.37
CA PRO A 14 -6.77 1.24 -14.90
C PRO A 14 -5.76 2.18 -14.24
N ILE A 15 -5.95 3.48 -14.47
CA ILE A 15 -5.09 4.53 -13.90
C ILE A 15 -5.91 5.39 -12.95
N ILE A 16 -5.35 5.61 -11.75
CA ILE A 16 -5.92 6.55 -10.77
C ILE A 16 -4.92 7.68 -10.59
N ASN A 17 -5.40 8.91 -10.71
CA ASN A 17 -4.56 10.11 -10.60
C ASN A 17 -4.68 10.77 -9.23
N PHE A 18 -3.54 11.16 -8.66
CA PHE A 18 -3.50 11.99 -7.45
C PHE A 18 -2.38 12.99 -7.56
N THR A 19 -2.64 14.21 -7.07
CA THR A 19 -1.60 15.20 -6.95
C THR A 19 -1.48 15.74 -5.52
N THR A 20 -0.24 15.96 -5.09
CA THR A 20 0.05 16.60 -3.82
C THR A 20 -0.14 18.12 -3.92
N ALA A 21 -0.17 18.63 -5.15
CA ALA A 21 -0.37 20.06 -5.42
C ALA A 21 -1.77 20.48 -4.95
N GLY A 22 -1.81 21.28 -3.90
CA GLY A 22 -3.08 21.73 -3.31
C GLY A 22 -3.97 20.61 -2.78
N ALA A 23 -3.36 19.51 -2.35
CA ALA A 23 -4.09 18.36 -1.84
C ALA A 23 -4.89 18.75 -0.61
N THR A 24 -6.10 18.21 -0.50
CA THR A 24 -6.97 18.43 0.65
C THR A 24 -7.41 17.08 1.19
N VAL A 25 -8.03 17.10 2.36
CA VAL A 25 -8.66 15.90 2.93
C VAL A 25 -9.59 15.26 1.89
N GLN A 26 -10.44 16.06 1.25
CA GLN A 26 -11.38 15.55 0.26
C GLN A 26 -10.70 14.93 -0.96
N SER A 27 -9.69 15.60 -1.52
CA SER A 27 -9.03 15.06 -2.73
C SER A 27 -8.27 13.76 -2.43
N TYR A 28 -7.65 13.70 -1.26
CA TYR A 28 -7.01 12.46 -0.80
C TYR A 28 -8.00 11.34 -0.54
N THR A 29 -9.13 11.66 0.09
CA THR A 29 -10.21 10.70 0.35
C THR A 29 -10.75 10.14 -0.97
N ASN A 30 -11.00 11.01 -1.95
CA ASN A 30 -11.44 10.59 -3.28
C ASN A 30 -10.45 9.61 -3.91
N PHE A 31 -9.16 9.95 -3.79
CA PHE A 31 -8.08 9.13 -4.31
C PHE A 31 -8.06 7.72 -3.70
N ILE A 32 -8.02 7.64 -2.37
CA ILE A 32 -7.98 6.34 -1.68
C ILE A 32 -9.22 5.49 -1.99
N ARG A 33 -10.40 6.12 -2.03
CA ARG A 33 -11.63 5.44 -2.41
CA ARG A 33 -11.65 5.45 -2.41
C ARG A 33 -11.54 4.85 -3.82
N ALA A 34 -11.00 5.63 -4.75
CA ALA A 34 -10.82 5.18 -6.14
C ALA A 34 -9.82 4.01 -6.24
N VAL A 35 -8.72 4.08 -5.47
CA VAL A 35 -7.75 2.99 -5.41
C VAL A 35 -8.41 1.70 -4.92
N ARG A 36 -9.14 1.77 -3.82
CA ARG A 36 -9.86 0.61 -3.28
C ARG A 36 -10.84 0.02 -4.31
N GLY A 37 -11.55 0.91 -5.01
CA GLY A 37 -12.51 0.52 -6.05
C GLY A 37 -11.90 -0.24 -7.21
N ARG A 38 -10.65 0.10 -7.54
CA ARG A 38 -9.92 -0.59 -8.61
C ARG A 38 -9.18 -1.83 -8.13
N LEU A 39 -8.90 -1.89 -6.83
CA LEU A 39 -8.26 -3.06 -6.23
C LEU A 39 -9.20 -4.24 -6.06
N THR A 40 -10.42 -3.98 -5.58
CA THR A 40 -11.42 -5.02 -5.30
C THR A 40 -12.59 -4.98 -6.27
N THR A 41 -13.12 -6.16 -6.57
CA THR A 41 -14.22 -6.34 -7.53
C THR A 41 -15.60 -6.26 -6.88
N GLY A 42 -15.66 -6.62 -5.60
CA GLY A 42 -16.93 -6.72 -4.86
C GLY A 42 -17.42 -8.15 -4.72
N ALA A 43 -16.72 -9.10 -5.34
CA ALA A 43 -17.06 -10.52 -5.32
C ALA A 43 -16.87 -11.18 -3.95
N ASP A 44 -16.08 -10.54 -3.09
CA ASP A 44 -15.61 -11.16 -1.86
C ASP A 44 -15.61 -10.17 -0.70
N VAL A 45 -16.66 -10.24 0.12
CA VAL A 45 -16.83 -9.38 1.30
C VAL A 45 -17.17 -10.30 2.47
N ARG A 46 -16.33 -10.26 3.51
CA ARG A 46 -16.48 -11.14 4.67
C ARG A 46 -16.46 -10.34 5.97
N HIS A 47 -17.53 -10.49 6.74
CA HIS A 47 -17.79 -9.69 7.95
C HIS A 47 -17.70 -8.18 7.68
N GLU A 48 -18.31 -7.78 6.56
CA GLU A 48 -18.34 -6.40 6.04
C GLU A 48 -16.99 -5.90 5.49
N ILE A 49 -15.97 -6.76 5.51
CA ILE A 49 -14.63 -6.40 5.03
C ILE A 49 -14.30 -7.07 3.68
N PRO A 50 -14.10 -6.24 2.64
CA PRO A 50 -13.71 -6.72 1.31
C PRO A 50 -12.37 -7.44 1.28
N VAL A 51 -12.27 -8.45 0.41
CA VAL A 51 -11.06 -9.22 0.19
C VAL A 51 -10.57 -8.92 -1.23
N LEU A 52 -9.27 -8.79 -1.38
CA LEU A 52 -8.62 -8.60 -2.67
C LEU A 52 -8.74 -9.88 -3.51
N PRO A 53 -8.62 -9.77 -4.86
CA PRO A 53 -8.73 -10.96 -5.70
C PRO A 53 -7.69 -12.02 -5.36
N ASN A 54 -8.11 -13.28 -5.43
CA ASN A 54 -7.23 -14.42 -5.29
C ASN A 54 -6.22 -14.43 -6.44
N ARG A 55 -4.94 -14.56 -6.11
CA ARG A 55 -3.85 -14.70 -7.08
C ARG A 55 -4.07 -15.91 -8.01
N VAL A 56 -4.59 -17.00 -7.46
CA VAL A 56 -4.75 -18.27 -8.17
C VAL A 56 -5.79 -18.11 -9.29
N GLY A 57 -5.33 -18.26 -10.52
CA GLY A 57 -6.17 -18.17 -11.70
C GLY A 57 -6.54 -16.76 -12.15
N LEU A 58 -5.94 -15.74 -11.53
CA LEU A 58 -6.23 -14.36 -11.88
C LEU A 58 -5.59 -14.01 -13.24
N PRO A 59 -6.41 -13.64 -14.23
CA PRO A 59 -5.86 -13.32 -15.55
C PRO A 59 -4.94 -12.10 -15.50
N ILE A 60 -3.89 -12.13 -16.31
CA ILE A 60 -2.87 -11.08 -16.34
C ILE A 60 -3.43 -9.68 -16.67
N ASN A 61 -4.49 -9.64 -17.49
CA ASN A 61 -5.15 -8.38 -17.84
C ASN A 61 -5.89 -7.71 -16.68
N GLN A 62 -5.98 -8.41 -15.55
CA GLN A 62 -6.68 -7.91 -14.35
C GLN A 62 -5.73 -7.79 -13.15
N ARG A 63 -4.43 -7.95 -13.39
CA ARG A 63 -3.46 -8.12 -12.31
C ARG A 63 -2.97 -6.84 -11.64
N PHE A 64 -2.93 -5.74 -12.39
CA PHE A 64 -2.33 -4.51 -11.90
C PHE A 64 -3.24 -3.30 -12.04
N ILE A 65 -3.01 -2.31 -11.18
CA ILE A 65 -3.54 -0.96 -11.36
C ILE A 65 -2.37 0.04 -11.34
N LEU A 66 -2.61 1.22 -11.90
CA LEU A 66 -1.59 2.25 -12.00
C LEU A 66 -2.02 3.47 -11.23
N VAL A 67 -1.09 4.01 -10.44
CA VAL A 67 -1.32 5.22 -9.67
C VAL A 67 -0.37 6.29 -10.21
N GLU A 68 -0.95 7.27 -10.90
CA GLU A 68 -0.19 8.37 -11.46
C GLU A 68 -0.14 9.51 -10.46
N LEU A 69 1.05 9.71 -9.88
CA LEU A 69 1.27 10.74 -8.88
C LEU A 69 1.90 11.96 -9.51
N SER A 70 1.28 13.12 -9.30
CA SER A 70 1.85 14.39 -9.72
C SER A 70 2.13 15.25 -8.49
N ASN A 71 3.00 16.24 -8.64
CA ASN A 71 3.31 17.14 -7.53
C ASN A 71 3.32 18.62 -7.94
N HIS A 72 3.48 19.51 -6.95
CA HIS A 72 3.53 20.96 -7.21
C HIS A 72 4.70 21.36 -8.11
N ALA A 73 5.79 20.58 -8.05
CA ALA A 73 6.97 20.78 -8.91
C ALA A 73 6.74 20.41 -10.38
N GLU A 74 5.50 20.08 -10.74
CA GLU A 74 5.08 19.67 -12.10
C GLU A 74 5.76 18.39 -12.61
N LEU A 75 6.06 17.49 -11.68
CA LEU A 75 6.65 16.20 -12.00
C LEU A 75 5.62 15.11 -11.80
N SER A 76 5.78 14.02 -12.56
CA SER A 76 4.88 12.87 -12.49
CA SER A 76 4.88 12.87 -12.48
C SER A 76 5.65 11.55 -12.45
N VAL A 77 5.16 10.63 -11.64
CA VAL A 77 5.64 9.24 -11.60
C VAL A 77 4.40 8.33 -11.58
N THR A 78 4.55 7.13 -12.13
CA THR A 78 3.45 6.15 -12.13
C THR A 78 3.88 4.93 -11.32
N LEU A 79 3.14 4.65 -10.24
CA LEU A 79 3.35 3.44 -9.47
C LEU A 79 2.47 2.33 -10.02
N ALA A 80 3.02 1.12 -10.03
CA ALA A 80 2.24 -0.06 -10.38
C ALA A 80 1.93 -0.85 -9.11
N LEU A 81 0.65 -1.13 -8.90
CA LEU A 81 0.20 -1.90 -7.75
C LEU A 81 -0.38 -3.24 -8.18
N ASP A 82 0.02 -4.29 -7.47
CA ASP A 82 -0.50 -5.64 -7.65
C ASP A 82 -1.84 -5.71 -6.93
N VAL A 83 -2.91 -6.06 -7.65
CA VAL A 83 -4.25 -6.10 -7.05
C VAL A 83 -4.43 -7.18 -5.98
N THR A 84 -3.58 -8.21 -6.00
CA THR A 84 -3.71 -9.32 -5.05
C THR A 84 -3.31 -8.92 -3.63
N ASN A 85 -2.46 -7.90 -3.50
CA ASN A 85 -1.94 -7.50 -2.19
C ASN A 85 -1.77 -6.00 -2.00
N ALA A 86 -2.12 -5.21 -3.02
CA ALA A 86 -1.90 -3.75 -3.06
C ALA A 86 -0.41 -3.33 -3.02
N TYR A 87 0.50 -4.27 -3.25
CA TYR A 87 1.94 -3.98 -3.22
C TYR A 87 2.37 -3.11 -4.38
N VAL A 88 3.20 -2.12 -4.07
CA VAL A 88 3.88 -1.34 -5.10
C VAL A 88 5.00 -2.22 -5.64
N VAL A 89 4.87 -2.63 -6.90
CA VAL A 89 5.83 -3.55 -7.53
C VAL A 89 6.93 -2.83 -8.32
N GLY A 90 6.68 -1.57 -8.62
CA GLY A 90 7.63 -0.77 -9.36
C GLY A 90 7.05 0.57 -9.74
N TYR A 91 7.84 1.35 -10.48
CA TYR A 91 7.40 2.66 -10.93
C TYR A 91 8.00 3.05 -12.28
N ARG A 92 7.34 3.98 -12.95
CA ARG A 92 7.84 4.61 -14.17
C ARG A 92 8.01 6.11 -13.95
N ALA A 93 9.14 6.64 -14.40
CA ALA A 93 9.35 8.07 -14.49
C ALA A 93 9.95 8.37 -15.87
N GLY A 94 9.17 9.02 -16.73
CA GLY A 94 9.58 9.33 -18.10
C GLY A 94 10.04 8.10 -18.87
N ASN A 95 11.32 8.09 -19.23
CA ASN A 95 11.91 7.05 -20.09
C ASN A 95 12.42 5.79 -19.39
N SER A 96 12.27 5.73 -18.07
CA SER A 96 12.77 4.59 -17.28
C SER A 96 11.74 4.02 -16.32
N ALA A 97 11.74 2.70 -16.20
CA ALA A 97 10.93 1.98 -15.23
C ALA A 97 11.80 1.08 -14.36
N TYR A 98 11.44 0.98 -13.08
CA TYR A 98 12.19 0.24 -12.09
C TYR A 98 11.25 -0.67 -11.32
N PHE A 99 11.63 -1.94 -11.20
CA PHE A 99 10.82 -2.92 -10.48
C PHE A 99 11.62 -3.52 -9.35
N PHE A 100 10.95 -3.74 -8.22
CA PHE A 100 11.56 -4.48 -7.12
C PHE A 100 11.84 -5.91 -7.54
N HIS A 101 12.83 -6.54 -6.91
CA HIS A 101 13.20 -7.93 -7.19
C HIS A 101 12.00 -8.85 -6.94
N PRO A 102 11.54 -9.56 -8.00
CA PRO A 102 10.37 -10.44 -7.84
C PRO A 102 10.63 -11.62 -6.91
N ASP A 103 9.59 -12.00 -6.16
CA ASP A 103 9.64 -13.11 -5.20
C ASP A 103 9.72 -14.47 -5.87
N ASN A 104 9.18 -14.56 -7.09
CA ASN A 104 9.08 -15.81 -7.84
C ASN A 104 9.03 -15.58 -9.36
N GLN A 105 9.08 -16.67 -10.11
CA GLN A 105 9.08 -16.62 -11.57
C GLN A 105 7.78 -16.08 -12.18
N GLU A 106 6.64 -16.41 -11.55
CA GLU A 106 5.32 -15.92 -11.99
C GLU A 106 5.25 -14.40 -11.91
N ASP A 107 5.71 -13.83 -10.79
CA ASP A 107 5.75 -12.38 -10.60
C ASP A 107 6.71 -11.68 -11.57
N ALA A 108 7.84 -12.32 -11.84
CA ALA A 108 8.81 -11.83 -12.82
C ALA A 108 8.20 -11.76 -14.22
N GLU A 109 7.44 -12.78 -14.60
CA GLU A 109 6.70 -12.76 -15.86
C GLU A 109 5.62 -11.67 -15.84
N ALA A 110 4.89 -11.58 -14.73
CA ALA A 110 3.78 -10.64 -14.58
C ALA A 110 4.18 -9.17 -14.84
N ILE A 111 5.33 -8.77 -14.31
CA ILE A 111 5.80 -7.38 -14.42
C ILE A 111 6.27 -6.98 -15.83
N THR A 112 6.52 -7.97 -16.71
CA THR A 112 6.82 -7.71 -18.12
C THR A 112 5.62 -7.13 -18.88
N HIS A 113 4.43 -7.22 -18.27
CA HIS A 113 3.20 -6.67 -18.82
C HIS A 113 2.98 -5.21 -18.42
N LEU A 114 3.90 -4.69 -17.59
CA LEU A 114 3.85 -3.31 -17.12
C LEU A 114 4.82 -2.41 -17.86
N PHE A 115 4.34 -1.19 -18.16
CA PHE A 115 5.13 -0.14 -18.83
C PHE A 115 5.87 -0.69 -20.06
N THR A 116 5.12 -1.34 -20.95
CA THR A 116 5.70 -2.11 -22.08
C THR A 116 6.36 -1.24 -23.16
N ASP A 117 6.00 0.04 -23.19
CA ASP A 117 6.53 0.99 -24.17
C ASP A 117 7.71 1.84 -23.67
N VAL A 118 8.11 1.61 -22.41
CA VAL A 118 9.21 2.35 -21.78
C VAL A 118 10.57 1.97 -22.39
N GLN A 119 11.43 2.97 -22.58
CA GLN A 119 12.73 2.80 -23.25
C GLN A 119 13.73 1.98 -22.44
N ASN A 120 13.73 2.20 -21.12
CA ASN A 120 14.69 1.57 -20.21
C ASN A 120 13.97 0.83 -19.07
N ARG A 121 14.19 -0.49 -19.01
CA ARG A 121 13.60 -1.36 -18.00
C ARG A 121 14.67 -1.85 -17.05
N TYR A 122 14.44 -1.65 -15.74
CA TYR A 122 15.36 -2.15 -14.73
C TYR A 122 14.63 -2.94 -13.65
N THR A 123 15.30 -4.00 -13.18
CA THR A 123 14.88 -4.70 -11.98
C THR A 123 15.96 -4.49 -10.92
N PHE A 124 15.54 -3.91 -9.79
CA PHE A 124 16.38 -3.81 -8.60
C PHE A 124 16.75 -5.22 -8.13
N ALA A 125 17.98 -5.37 -7.62
CA ALA A 125 18.41 -6.63 -7.02
C ALA A 125 17.75 -6.86 -5.66
N PHE A 126 17.30 -5.77 -5.05
CA PHE A 126 16.63 -5.81 -3.74
C PHE A 126 15.11 -5.88 -3.85
N GLY A 127 14.50 -6.56 -2.88
CA GLY A 127 13.04 -6.62 -2.76
C GLY A 127 12.48 -5.34 -2.18
N GLY A 128 11.17 -5.16 -2.32
CA GLY A 128 10.49 -3.94 -1.90
C GLY A 128 9.82 -3.96 -0.55
N ASN A 129 10.11 -4.99 0.26
CA ASN A 129 9.59 -5.08 1.63
C ASN A 129 10.18 -4.01 2.55
N TYR A 130 9.45 -3.67 3.61
CA TYR A 130 9.90 -2.65 4.56
C TYR A 130 11.28 -2.92 5.16
N ASP A 131 11.53 -4.16 5.57
CA ASP A 131 12.83 -4.56 6.15
C ASP A 131 14.01 -4.13 5.28
N ARG A 132 13.92 -4.47 3.99
CA ARG A 132 14.95 -4.14 3.00
CA ARG A 132 14.95 -4.14 3.00
C ARG A 132 15.03 -2.64 2.76
N LEU A 133 13.88 -1.99 2.61
CA LEU A 133 13.83 -0.55 2.32
C LEU A 133 14.33 0.29 3.50
N GLU A 134 14.01 -0.13 4.72
CA GLU A 134 14.50 0.53 5.94
C GLU A 134 16.01 0.45 6.10
N GLN A 135 16.57 -0.72 5.79
CA GLN A 135 18.03 -0.91 5.85
C GLN A 135 18.75 -0.05 4.80
N LEU A 136 18.16 0.08 3.62
CA LEU A 136 18.69 0.93 2.55
C LEU A 136 18.54 2.42 2.84
N ALA A 137 17.42 2.79 3.45
CA ALA A 137 17.16 4.18 3.86
C ALA A 137 18.05 4.64 5.01
N GLY A 138 18.49 3.69 5.83
CA GLY A 138 19.22 4.00 7.07
C GLY A 138 18.30 4.53 8.15
N ASN A 139 17.00 4.31 7.98
CA ASN A 139 15.96 4.74 8.92
C ASN A 139 14.80 3.77 8.93
N LEU A 140 14.25 3.58 10.13
CA LEU A 140 13.03 2.78 10.30
C LEU A 140 11.80 3.63 9.98
N ARG A 141 10.69 2.97 9.69
CA ARG A 141 9.40 3.65 9.47
C ARG A 141 9.04 4.62 10.60
N GLU A 142 9.32 4.24 11.86
CA GLU A 142 9.04 5.08 13.03
C GLU A 142 9.76 6.45 13.03
N ASN A 143 10.76 6.60 12.17
CA ASN A 143 11.54 7.83 12.07
C ASN A 143 11.44 8.54 10.72
N ILE A 144 10.56 8.04 9.84
CA ILE A 144 10.34 8.63 8.53
C ILE A 144 9.01 9.39 8.52
N GLU A 145 9.09 10.71 8.33
CA GLU A 145 7.91 11.58 8.37
C GLU A 145 7.00 11.34 7.17
N LEU A 146 5.70 11.34 7.44
CA LEU A 146 4.66 11.17 6.43
C LEU A 146 3.77 12.41 6.40
N GLY A 147 3.12 12.63 5.25
CA GLY A 147 2.27 13.78 5.05
C GLY A 147 2.35 14.24 3.61
N ASN A 148 1.65 15.33 3.30
CA ASN A 148 1.65 15.85 1.93
C ASN A 148 3.03 16.33 1.48
N GLY A 149 3.73 17.03 2.37
CA GLY A 149 5.10 17.48 2.12
C GLY A 149 6.05 16.33 1.80
N PRO A 150 6.13 15.31 2.69
CA PRO A 150 6.94 14.12 2.36
C PRO A 150 6.57 13.45 1.03
N LEU A 151 5.27 13.37 0.71
CA LEU A 151 4.85 12.76 -0.55
C LEU A 151 5.25 13.60 -1.77
N GLU A 152 5.04 14.92 -1.68
CA GLU A 152 5.52 15.89 -2.67
C GLU A 152 6.99 15.66 -3.00
N GLU A 153 7.81 15.57 -1.95
CA GLU A 153 9.25 15.36 -2.06
C GLU A 153 9.62 13.96 -2.57
N ALA A 154 8.86 12.96 -2.15
CA ALA A 154 9.04 11.57 -2.61
C ALA A 154 8.85 11.44 -4.11
N ILE A 155 7.83 12.12 -4.65
CA ILE A 155 7.54 12.11 -6.09
C ILE A 155 8.73 12.68 -6.88
N SER A 156 9.28 13.81 -6.41
CA SER A 156 10.48 14.40 -7.01
C SER A 156 11.70 13.47 -6.95
N ALA A 157 11.92 12.83 -5.80
CA ALA A 157 13.03 11.89 -5.62
C ALA A 157 12.95 10.68 -6.55
N LEU A 158 11.75 10.10 -6.69
CA LEU A 158 11.52 9.01 -7.64
C LEU A 158 11.76 9.48 -9.08
N TYR A 159 11.27 10.68 -9.41
CA TYR A 159 11.44 11.24 -10.74
C TYR A 159 12.92 11.38 -11.15
N TYR A 160 13.76 11.87 -10.23
CA TYR A 160 15.16 12.19 -10.55
C TYR A 160 16.18 11.06 -10.37
N TYR A 161 15.72 9.88 -9.95
CA TYR A 161 16.62 8.74 -9.69
C TYR A 161 17.45 8.31 -10.90
N SER A 162 16.81 8.21 -12.07
CA SER A 162 17.49 7.72 -13.28
C SER A 162 18.59 8.66 -13.81
N THR A 163 18.54 9.93 -13.42
CA THR A 163 19.55 10.91 -13.86
C THR A 163 20.63 11.20 -12.83
N GLY A 164 20.61 10.47 -11.72
CA GLY A 164 21.65 10.56 -10.69
C GLY A 164 21.42 11.59 -9.60
N GLY A 165 20.25 12.23 -9.60
CA GLY A 165 19.90 13.26 -8.62
C GLY A 165 19.50 12.74 -7.26
N THR A 166 19.15 11.45 -7.18
CA THR A 166 18.62 10.84 -5.95
C THR A 166 19.53 9.72 -5.46
N GLN A 167 20.05 9.88 -4.25
CA GLN A 167 20.84 8.84 -3.58
C GLN A 167 19.92 7.69 -3.18
N LEU A 168 20.48 6.48 -3.09
CA LEU A 168 19.70 5.28 -2.75
C LEU A 168 18.95 5.35 -1.42
N PRO A 169 19.57 5.89 -0.33
CA PRO A 169 18.78 6.03 0.91
C PRO A 169 17.54 6.92 0.77
N THR A 170 17.67 8.00 -0.01
CA THR A 170 16.55 8.91 -0.31
C THR A 170 15.46 8.20 -1.13
N LEU A 171 15.89 7.40 -2.10
CA LEU A 171 14.96 6.61 -2.92
C LEU A 171 14.18 5.62 -2.07
N ALA A 172 14.89 4.89 -1.20
CA ALA A 172 14.29 3.93 -0.28
C ALA A 172 13.28 4.59 0.65
N ARG A 173 13.67 5.74 1.22
CA ARG A 173 12.80 6.53 2.09
CA ARG A 173 12.81 6.54 2.09
C ARG A 173 11.54 6.96 1.33
N SER A 174 11.72 7.39 0.08
CA SER A 174 10.63 7.85 -0.77
C SER A 174 9.64 6.73 -1.10
N PHE A 175 10.14 5.52 -1.35
CA PHE A 175 9.29 4.34 -1.50
C PHE A 175 8.48 4.08 -0.24
N ILE A 176 9.14 4.14 0.92
CA ILE A 176 8.50 3.95 2.23
C ILE A 176 7.34 4.93 2.42
N ILE A 177 7.54 6.19 2.02
CA ILE A 177 6.50 7.22 2.08
C ILE A 177 5.32 6.86 1.18
N CYS A 178 5.60 6.56 -0.09
CA CYS A 178 4.58 6.22 -1.07
C CYS A 178 3.76 5.01 -0.66
N ILE A 179 4.43 3.95 -0.22
CA ILE A 179 3.78 2.70 0.17
C ILE A 179 2.78 2.94 1.30
N GLN A 180 3.17 3.69 2.33
CA GLN A 180 2.29 3.90 3.46
C GLN A 180 1.12 4.82 3.14
N MET A 181 1.38 5.84 2.34
CA MET A 181 0.36 6.85 2.03
C MET A 181 -0.63 6.38 0.97
N ILE A 182 -0.28 5.33 0.25
CA ILE A 182 -1.12 4.79 -0.81
C ILE A 182 -1.61 3.38 -0.45
N SER A 183 -0.70 2.41 -0.42
CA SER A 183 -1.07 1.01 -0.18
C SER A 183 -1.63 0.79 1.23
N GLU A 184 -0.95 1.30 2.25
CA GLU A 184 -1.42 1.09 3.63
C GLU A 184 -2.71 1.85 3.92
N ALA A 185 -2.83 3.06 3.37
CA ALA A 185 -4.07 3.82 3.47
C ALA A 185 -5.23 3.10 2.79
N ALA A 186 -4.97 2.48 1.65
CA ALA A 186 -5.98 1.66 0.97
C ALA A 186 -6.41 0.46 1.83
N ARG A 187 -5.43 -0.20 2.46
CA ARG A 187 -5.69 -1.37 3.29
C ARG A 187 -6.44 -1.05 4.58
N PHE A 188 -6.15 0.11 5.17
CA PHE A 188 -6.66 0.45 6.49
C PHE A 188 -7.31 1.83 6.52
N GLN A 189 -8.62 1.88 6.79
CA GLN A 189 -9.28 3.19 7.01
C GLN A 189 -8.58 3.97 8.11
N TYR A 190 -8.09 3.27 9.13
CA TYR A 190 -7.37 3.92 10.21
C TYR A 190 -6.14 4.68 9.71
N ILE A 191 -5.37 4.06 8.83
CA ILE A 191 -4.16 4.68 8.29
C ILE A 191 -4.54 5.81 7.32
N GLU A 192 -5.56 5.60 6.50
CA GLU A 192 -6.14 6.67 5.70
C GLU A 192 -6.49 7.89 6.57
N GLY A 193 -7.15 7.63 7.71
CA GLY A 193 -7.50 8.68 8.67
C GLY A 193 -6.30 9.44 9.21
N GLU A 194 -5.25 8.71 9.54
CA GLU A 194 -4.00 9.30 10.00
C GLU A 194 -3.35 10.20 8.94
N MET A 195 -3.46 9.81 7.68
CA MET A 195 -2.94 10.62 6.58
C MET A 195 -3.82 11.85 6.32
N ARG A 196 -5.14 11.67 6.41
CA ARG A 196 -6.10 12.78 6.30
C ARG A 196 -5.80 13.89 7.31
N THR A 197 -5.52 13.49 8.56
CA THR A 197 -5.16 14.43 9.64
C THR A 197 -3.90 15.23 9.28
N ARG A 198 -2.85 14.54 8.82
CA ARG A 198 -1.62 15.20 8.40
C ARG A 198 -1.84 16.21 7.28
N ILE A 199 -2.70 15.84 6.32
CA ILE A 199 -3.03 16.71 5.19
C ILE A 199 -3.84 17.93 5.66
N ARG A 200 -4.85 17.68 6.52
CA ARG A 200 -5.73 18.74 7.03
C ARG A 200 -4.94 19.90 7.65
N TYR A 201 -3.93 19.57 8.45
CA TYR A 201 -3.16 20.57 9.19
C TYR A 201 -1.81 20.90 8.53
N ASN A 202 -1.56 20.28 7.38
CA ASN A 202 -0.27 20.37 6.67
C ASN A 202 0.92 20.19 7.60
N ARG A 203 0.83 19.16 8.45
CA ARG A 203 1.84 18.86 9.45
C ARG A 203 2.37 17.46 9.23
N ARG A 204 3.64 17.37 8.86
CA ARG A 204 4.31 16.09 8.66
C ARG A 204 4.75 15.49 9.99
N SER A 205 4.63 14.16 10.09
CA SER A 205 5.05 13.41 11.27
C SER A 205 5.22 11.94 10.93
N ALA A 206 6.15 11.29 11.62
CA ALA A 206 6.38 9.87 11.51
C ALA A 206 5.19 9.08 12.06
N PRO A 207 4.95 7.86 11.54
CA PRO A 207 3.84 7.05 12.04
C PRO A 207 4.08 6.55 13.46
N ASP A 208 3.05 6.64 14.29
CA ASP A 208 3.09 6.17 15.67
C ASP A 208 2.95 4.63 15.72
N PRO A 209 3.10 4.01 16.92
CA PRO A 209 2.99 2.54 17.02
C PRO A 209 1.67 1.92 16.55
N SER A 210 0.57 2.67 16.62
CA SER A 210 -0.72 2.14 16.13
C SER A 210 -0.69 1.90 14.62
N VAL A 211 -0.06 2.80 13.89
CA VAL A 211 0.11 2.68 12.44
C VAL A 211 1.08 1.53 12.10
N ILE A 212 2.24 1.53 12.74
CA ILE A 212 3.28 0.52 12.50
C ILE A 212 2.78 -0.89 12.76
N THR A 213 2.11 -1.10 13.89
CA THR A 213 1.65 -2.44 14.26
C THR A 213 0.53 -2.92 13.33
N LEU A 214 -0.34 -2.02 12.86
CA LEU A 214 -1.33 -2.39 11.86
C LEU A 214 -0.68 -2.85 10.56
N GLU A 215 0.29 -2.07 10.07
CA GLU A 215 1.07 -2.43 8.88
C GLU A 215 1.69 -3.81 9.03
N ASN A 216 2.36 -4.04 10.15
CA ASN A 216 3.02 -5.31 10.42
C ASN A 216 2.07 -6.48 10.55
N SER A 217 0.84 -6.21 10.96
CA SER A 217 -0.14 -7.25 11.24
C SER A 217 -1.15 -7.53 10.12
N TRP A 218 -1.03 -6.84 8.99
CA TRP A 218 -2.05 -6.94 7.93
C TRP A 218 -2.30 -8.39 7.47
N GLY A 219 -1.22 -9.12 7.20
CA GLY A 219 -1.32 -10.53 6.79
C GLY A 219 -1.99 -11.39 7.84
N ARG A 220 -1.55 -11.24 9.09
CA ARG A 220 -2.08 -12.03 10.21
CA ARG A 220 -2.07 -12.01 10.23
C ARG A 220 -3.53 -11.70 10.51
N LEU A 221 -3.89 -10.41 10.46
CA LEU A 221 -5.28 -9.98 10.64
C LEU A 221 -6.18 -10.54 9.56
N SER A 222 -5.72 -10.48 8.31
CA SER A 222 -6.44 -11.06 7.18
C SER A 222 -6.70 -12.55 7.38
N THR A 223 -5.68 -13.29 7.79
CA THR A 223 -5.82 -14.73 8.02
C THR A 223 -6.74 -15.02 9.20
N ALA A 224 -6.56 -14.31 10.30
CA ALA A 224 -7.38 -14.50 11.50
C ALA A 224 -8.86 -14.26 11.23
N ILE A 225 -9.16 -13.21 10.47
CA ILE A 225 -10.55 -12.90 10.11
C ILE A 225 -11.13 -14.00 9.23
N GLN A 226 -10.36 -14.40 8.21
CA GLN A 226 -10.85 -15.38 7.25
C GLN A 226 -10.96 -16.80 7.82
N GLU A 227 -10.12 -17.13 8.80
CA GLU A 227 -10.14 -18.43 9.47
C GLU A 227 -10.99 -18.44 10.73
N SER A 228 -11.58 -17.29 11.10
CA SER A 228 -12.34 -17.15 12.33
C SER A 228 -13.57 -18.06 12.38
N ASN A 229 -14.01 -18.36 13.60
CA ASN A 229 -15.27 -19.06 13.79
C ASN A 229 -16.35 -18.02 14.01
N GLN A 230 -17.08 -17.72 12.95
CA GLN A 230 -18.18 -16.73 12.97
C GLN A 230 -17.69 -15.33 13.40
N GLY A 231 -16.44 -15.01 13.09
CA GLY A 231 -15.84 -13.75 13.49
C GLY A 231 -14.91 -13.81 14.69
N ALA A 232 -15.01 -14.89 15.46
CA ALA A 232 -14.19 -15.07 16.68
C ALA A 232 -12.84 -15.68 16.35
N PHE A 233 -11.77 -15.01 16.79
CA PHE A 233 -10.40 -15.49 16.55
C PHE A 233 -10.11 -16.67 17.47
N ALA A 234 -9.35 -17.64 16.98
CA ALA A 234 -8.89 -18.75 17.82
C ALA A 234 -7.76 -18.29 18.74
N SER A 235 -6.90 -17.43 18.20
CA SER A 235 -5.79 -16.82 18.93
C SER A 235 -5.93 -15.31 18.84
N PRO A 236 -5.77 -14.59 19.98
CA PRO A 236 -5.81 -13.12 19.92
C PRO A 236 -4.62 -12.54 19.18
N ILE A 237 -4.81 -11.36 18.59
CA ILE A 237 -3.71 -10.61 17.95
C ILE A 237 -3.46 -9.34 18.77
N GLN A 238 -2.20 -9.11 19.10
CA GLN A 238 -1.81 -7.94 19.87
C GLN A 238 -1.42 -6.80 18.95
N LEU A 239 -2.14 -5.69 19.07
CA LEU A 239 -1.78 -4.45 18.38
C LEU A 239 -1.29 -3.45 19.42
N GLN A 240 -0.89 -2.27 18.96
CA GLN A 240 -0.48 -1.20 19.88
C GLN A 240 -1.32 0.06 19.70
N ARG A 241 -1.53 0.76 20.81
CA ARG A 241 -2.14 2.09 20.83
C ARG A 241 -1.10 3.12 20.40
N ARG A 242 -1.54 4.38 20.27
CA ARG A 242 -0.66 5.51 19.94
C ARG A 242 0.51 5.66 20.90
N ASN A 243 0.26 5.41 22.19
CA ASN A 243 1.29 5.50 23.24
C ASN A 243 2.16 4.23 23.40
N GLY A 244 1.95 3.25 22.52
CA GLY A 244 2.73 2.02 22.52
C GLY A 244 2.19 0.87 23.37
N SER A 245 1.16 1.14 24.16
CA SER A 245 0.52 0.14 25.01
C SER A 245 -0.26 -0.89 24.19
N LYS A 246 -0.45 -2.08 24.76
CA LYS A 246 -1.06 -3.22 24.07
C LYS A 246 -2.59 -3.09 23.90
N PHE A 247 -3.07 -3.55 22.75
CA PHE A 247 -4.50 -3.64 22.44
C PHE A 247 -4.77 -5.03 21.87
N SER A 248 -5.53 -5.84 22.60
CA SER A 248 -5.84 -7.21 22.21
C SER A 248 -7.06 -7.30 21.31
N VAL A 249 -6.90 -7.98 20.18
CA VAL A 249 -7.98 -8.20 19.22
C VAL A 249 -8.43 -9.66 19.26
N TYR A 250 -9.70 -9.86 19.60
CA TYR A 250 -10.29 -11.19 19.75
C TYR A 250 -11.32 -11.52 18.67
N ASP A 251 -11.69 -10.51 17.88
CA ASP A 251 -12.86 -10.63 17.02
C ASP A 251 -12.76 -9.65 15.86
N VAL A 252 -13.36 -10.03 14.74
CA VAL A 252 -13.45 -9.15 13.56
C VAL A 252 -14.19 -7.84 13.84
N SER A 253 -15.16 -7.87 14.77
CA SER A 253 -16.06 -6.73 15.01
C SER A 253 -15.32 -5.42 15.25
N ILE A 254 -14.29 -5.48 16.09
CA ILE A 254 -13.50 -4.31 16.45
C ILE A 254 -12.67 -3.76 15.27
N LEU A 255 -12.46 -4.60 14.25
CA LEU A 255 -11.63 -4.26 13.09
C LEU A 255 -12.40 -3.68 11.90
N ILE A 256 -13.73 -3.80 11.91
CA ILE A 256 -14.56 -3.27 10.82
C ILE A 256 -14.30 -1.77 10.50
N PRO A 257 -14.18 -0.88 11.53
CA PRO A 257 -13.81 0.50 11.21
C PRO A 257 -12.33 0.74 10.91
N ILE A 258 -11.50 -0.29 11.05
CA ILE A 258 -10.04 -0.17 10.99
C ILE A 258 -9.45 -0.68 9.67
N ILE A 259 -9.88 -1.87 9.25
CA ILE A 259 -9.34 -2.51 8.06
CA ILE A 259 -9.37 -2.56 8.06
C ILE A 259 -10.36 -2.41 6.92
N ALA A 260 -9.88 -1.92 5.77
CA ALA A 260 -10.71 -1.70 4.59
C ALA A 260 -10.64 -2.84 3.58
N LEU A 261 -9.48 -3.50 3.50
CA LEU A 261 -9.35 -4.67 2.65
CA LEU A 261 -9.19 -4.57 2.52
C LEU A 261 -8.34 -5.66 3.16
N MET A 262 -8.57 -6.92 2.78
CA MET A 262 -7.74 -8.04 3.22
C MET A 262 -7.12 -8.74 2.02
N VAL A 263 -5.94 -9.29 2.22
CA VAL A 263 -5.33 -10.22 1.25
C VAL A 263 -6.08 -11.55 1.34
N TYR A 264 -6.31 -12.20 0.19
CA TYR A 264 -6.95 -13.52 0.16
C TYR A 264 -6.04 -14.54 0.86
N ARG A 265 -6.61 -15.25 1.84
CA ARG A 265 -5.82 -16.20 2.63
C ARG A 265 -6.40 -17.61 2.66
N CYS A 266 -7.72 -17.71 2.62
CA CYS A 266 -8.43 -18.99 2.48
C CYS A 266 -9.80 -18.78 1.85
N ALA A 267 -10.40 -19.87 1.38
CA ALA A 267 -11.78 -19.88 0.90
C ALA A 267 -12.74 -19.59 2.06
N PRO A 268 -13.80 -18.79 1.81
CA PRO A 268 -14.77 -18.55 2.88
C PRO A 268 -15.56 -19.81 3.19
N PRO A 269 -15.74 -20.14 4.49
CA PRO A 269 -16.53 -21.32 4.87
C PRO A 269 -18.00 -21.15 4.46
N PRO A 270 -18.72 -22.26 4.19
CA PRO A 270 -20.15 -22.18 3.83
C PRO A 270 -20.94 -21.33 4.81
N SER A 271 -21.94 -20.61 4.29
CA SER A 271 -22.74 -19.63 5.04
C SER A 271 -23.13 -20.10 6.44
N SER A 272 -23.61 -21.34 6.53
CA SER A 272 -23.91 -22.04 7.80
C SER A 272 -24.76 -21.22 8.78
N GLN A 273 -25.82 -20.61 8.25
CA GLN A 273 -26.80 -19.88 9.04
C GLN A 273 -27.69 -20.87 9.79
N PHE A 274 -28.11 -20.48 11.00
CA PHE A 274 -28.98 -21.29 11.84
C PHE A 274 -30.39 -21.34 11.26
CAL I9P B . 5.97 -5.03 4.16
CG I9P B . 5.36 -8.63 5.43
CB I9P B . 4.86 -7.58 6.43
CA I9P B . 5.66 -6.30 6.25
C I9P B . 5.60 -5.44 7.52
OXT I9P B . 4.74 -4.53 7.57
O I9P B . 6.43 -5.70 8.42
N I9P B . 5.15 -5.56 5.09
OAQ I9P B . 7.19 -5.17 4.19
C7 I9P B . 5.35 -4.40 3.08
N8 I9P B . 6.09 -4.09 1.98
C8A I9P B . 5.55 -3.50 0.90
N1 I9P B . 6.33 -3.22 -0.14
C2 I9P B . 5.86 -2.64 -1.26
N2 I9P B . 6.69 -2.39 -2.26
N3 I9P B . 4.50 -2.30 -1.35
C4 I9P B . 3.66 -2.59 -0.28
O4 I9P B . 2.47 -2.28 -0.37
C4A I9P B . 4.18 -3.19 0.87
N5 I9P B . 3.41 -3.48 1.94
C6 I9P B . 3.99 -4.10 3.06
S SO4 C . -11.94 20.64 -1.13
O1 SO4 C . -13.37 20.34 -1.37
O2 SO4 C . -11.70 20.79 0.31
O3 SO4 C . -11.12 19.55 -1.68
O4 SO4 C . -11.56 21.91 -1.81
S SO4 D . 15.40 -9.03 -0.27
O1 SO4 D . 15.66 -10.38 -0.82
O2 SO4 D . 13.94 -8.77 -0.29
O3 SO4 D . 16.09 -8.03 -1.12
O4 SO4 D . 15.90 -8.95 1.12
#